data_6R12
#
_entry.id   6R12
#
_cell.length_a   56.417
_cell.length_b   58.795
_cell.length_c   88.234
_cell.angle_alpha   90.00
_cell.angle_beta   90.00
_cell.angle_gamma   90.00
#
_symmetry.space_group_name_H-M   'P 21 21 21'
#
loop_
_entity.id
_entity.type
_entity.pdbx_description
1 polymer 'Cereblon isoform 4'
2 polymer 'Cereblon isoform 4'
3 non-polymer 'ZINC ION'
4 non-polymer S-Thalidomide
5 non-polymer 'PHOSPHATE ION'
6 non-polymer ~{N}-[(3~{S})-2,5-bis(oxidanylidene)pyrrolidin-3-yl]-2-phenyl-ethanamide
7 non-polymer 'CHLORIDE ION'
8 water water
#
loop_
_entity_poly.entity_id
_entity_poly.type
_entity_poly.pdbx_seq_one_letter_code
_entity_poly.pdbx_strand_id
1 'polypeptide(L)'
;AMPLDAGGQNSTQMVLAPGASIFRCRQCGQTISRRDWLLPMGGDHEHVVFNPAGMIFRVWCFSLAQGLRLIGAPSGEFSW
FKGYDWTIALCGQCGSHLGWHYEGGSQPQTFFGLIKDRLAEGPAD
;
A,B,C
2 'polypeptide(L)' (UNK)(UNK)(UNK)(UNK)(UNK) F
#
# COMPACT_ATOMS: atom_id res chain seq x y z
N ALA A 17 4.34 2.33 -25.75
CA ALA A 17 3.40 1.34 -25.20
C ALA A 17 3.48 1.25 -23.65
N PRO A 18 3.31 2.36 -22.90
CA PRO A 18 3.32 2.19 -21.40
C PRO A 18 2.17 1.31 -20.94
N GLY A 19 2.35 0.36 -20.02
CA GLY A 19 1.18 -0.33 -19.38
C GLY A 19 0.74 0.27 -18.08
N ALA A 20 1.39 1.33 -17.62
CA ALA A 20 1.12 1.89 -16.24
C ALA A 20 0.69 3.34 -16.38
N SER A 21 -0.35 3.52 -17.12
CA SER A 21 -0.63 4.86 -17.47
C SER A 21 -1.92 5.42 -17.05
N ILE A 22 -2.99 4.71 -17.28
CA ILE A 22 -4.24 5.23 -16.84
C ILE A 22 -4.98 4.33 -15.86
N PHE A 23 -5.83 4.92 -15.06
CA PHE A 23 -6.59 4.20 -14.08
C PHE A 23 -8.06 4.16 -14.46
N ARG A 24 -8.61 2.97 -14.46
CA ARG A 24 -10.02 2.77 -14.73
C ARG A 24 -10.76 2.15 -13.57
N CYS A 25 -12.08 2.31 -13.49
CA CYS A 25 -12.83 1.62 -12.54
C CYS A 25 -12.59 0.09 -12.66
N ARG A 26 -12.31 -0.59 -11.56
CA ARG A 26 -12.09 -2.00 -11.60
C ARG A 26 -13.33 -2.81 -11.92
N GLN A 27 -14.49 -2.27 -11.64
CA GLN A 27 -15.74 -2.99 -11.89
C GLN A 27 -16.27 -2.89 -13.31
N CYS A 28 -16.02 -1.82 -14.01
CA CYS A 28 -16.62 -1.56 -15.28
C CYS A 28 -15.80 -0.96 -16.34
N GLY A 29 -14.59 -0.48 -16.00
CA GLY A 29 -13.66 0.12 -16.92
C GLY A 29 -13.79 1.56 -17.29
N GLN A 30 -14.74 2.25 -16.69
CA GLN A 30 -14.78 3.73 -16.89
C GLN A 30 -13.44 4.36 -16.62
N THR A 31 -13.02 5.25 -17.51
CA THR A 31 -11.79 6.01 -17.35
C THR A 31 -11.93 6.92 -16.14
N ILE A 32 -10.96 6.91 -15.25
CA ILE A 32 -11.03 7.69 -14.03
C ILE A 32 -9.83 8.60 -13.85
N SER A 33 -8.57 8.14 -13.89
CA SER A 33 -7.48 9.09 -13.74
C SER A 33 -6.22 8.63 -14.47
N ARG A 34 -5.06 9.15 -14.09
CA ARG A 34 -3.80 8.83 -14.81
C ARG A 34 -2.69 8.85 -13.83
N ARG A 35 -1.70 8.06 -14.05
CA ARG A 35 -0.52 8.06 -13.15
C ARG A 35 0.18 9.45 -13.12
N ASP A 36 0.19 10.11 -14.25
CA ASP A 36 0.78 11.45 -14.37
C ASP A 36 0.11 12.42 -13.41
N TRP A 37 -1.15 12.12 -12.98
CA TRP A 37 -1.94 13.02 -12.14
C TRP A 37 -1.82 12.70 -10.66
N LEU A 38 -0.96 11.79 -10.31
CA LEU A 38 -0.71 11.53 -8.87
C LEU A 38 -0.22 12.77 -8.19
N LEU A 39 -0.70 13.03 -6.98
CA LEU A 39 -0.42 14.24 -6.23
C LEU A 39 0.15 13.93 -4.84
N PRO A 40 1.42 14.25 -4.56
CA PRO A 40 1.92 13.95 -3.24
C PRO A 40 1.50 14.90 -2.07
N MET A 41 0.36 14.69 -1.46
CA MET A 41 -0.18 15.40 -0.30
C MET A 41 0.60 15.08 0.93
N GLY A 42 1.03 16.13 1.63
CA GLY A 42 2.07 16.06 2.63
C GLY A 42 3.24 15.16 2.35
N GLY A 43 3.75 15.13 1.11
CA GLY A 43 4.96 14.37 0.80
C GLY A 43 4.74 12.97 0.25
N ASP A 44 3.48 12.50 0.13
CA ASP A 44 3.30 11.12 -0.35
C ASP A 44 1.98 11.08 -1.06
N HIS A 45 1.90 10.44 -2.21
CA HIS A 45 0.62 10.33 -2.87
C HIS A 45 -0.29 9.27 -2.17
N GLU A 46 0.31 8.44 -1.39
CA GLU A 46 -0.38 7.34 -0.67
C GLU A 46 -0.61 7.68 0.79
N HIS A 47 -1.88 7.59 1.22
CA HIS A 47 -2.31 7.86 2.57
C HIS A 47 -3.14 6.67 3.09
N VAL A 48 -2.75 6.08 4.19
CA VAL A 48 -3.45 4.91 4.73
C VAL A 48 -4.26 5.35 5.90
N VAL A 49 -5.56 5.23 5.78
CA VAL A 49 -6.45 5.81 6.72
C VAL A 49 -7.64 4.94 7.05
N PHE A 50 -8.43 5.30 8.05
CA PHE A 50 -9.63 4.57 8.35
C PHE A 50 -10.84 5.43 8.69
N ASN A 51 -12.01 4.96 8.35
CA ASN A 51 -13.22 5.70 8.62
C ASN A 51 -13.90 5.37 9.98
N PRO A 52 -14.96 6.06 10.33
CA PRO A 52 -15.58 5.78 11.62
C PRO A 52 -16.11 4.37 11.75
N ALA A 53 -16.34 3.71 10.64
CA ALA A 53 -16.79 2.32 10.61
C ALA A 53 -15.61 1.35 10.61
N GLY A 54 -14.40 1.85 10.84
CA GLY A 54 -13.19 1.13 10.99
C GLY A 54 -12.62 0.53 9.74
N MET A 55 -13.17 0.82 8.58
CA MET A 55 -12.67 0.35 7.30
C MET A 55 -11.39 1.11 6.98
N ILE A 56 -10.38 0.37 6.59
CA ILE A 56 -9.04 0.91 6.27
C ILE A 56 -8.97 1.07 4.73
N PHE A 57 -8.45 2.18 4.28
CA PHE A 57 -8.32 2.46 2.87
C PHE A 57 -6.90 2.91 2.57
N ARG A 58 -6.41 2.44 1.42
CA ARG A 58 -5.18 2.86 0.88
C ARG A 58 -5.62 3.89 -0.16
N VAL A 59 -5.44 5.14 0.17
CA VAL A 59 -5.96 6.27 -0.63
C VAL A 59 -4.77 6.77 -1.46
N TRP A 60 -4.96 6.88 -2.78
CA TRP A 60 -3.98 7.58 -3.62
C TRP A 60 -4.59 8.93 -3.91
N CYS A 61 -3.82 9.97 -3.77
CA CYS A 61 -4.20 11.32 -4.12
C CYS A 61 -3.88 11.67 -5.55
N PHE A 62 -4.87 12.26 -6.24
CA PHE A 62 -4.76 12.63 -7.66
C PHE A 62 -5.19 14.10 -7.77
N SER A 63 -4.46 14.89 -8.60
CA SER A 63 -4.91 16.24 -8.73
CA SER A 63 -4.88 16.23 -8.80
C SER A 63 -6.21 16.34 -9.51
N LEU A 64 -6.45 15.36 -10.37
CA LEU A 64 -7.57 15.37 -11.28
C LEU A 64 -8.06 13.98 -11.43
N ALA A 65 -9.31 13.87 -11.80
CA ALA A 65 -10.01 12.64 -12.14
C ALA A 65 -11.18 12.97 -12.95
N GLN A 66 -11.76 11.97 -13.60
CA GLN A 66 -12.91 12.12 -14.42
C GLN A 66 -13.75 10.86 -14.28
N GLY A 67 -14.91 10.87 -14.85
CA GLY A 67 -15.83 9.75 -14.92
C GLY A 67 -16.49 9.37 -13.61
N LEU A 68 -16.41 10.24 -12.64
CA LEU A 68 -17.02 10.03 -11.34
C LEU A 68 -18.31 10.82 -11.26
N ARG A 69 -19.04 10.62 -10.19
CA ARG A 69 -20.24 11.32 -9.86
C ARG A 69 -20.07 11.65 -8.39
N LEU A 70 -20.03 12.94 -8.07
CA LEU A 70 -19.86 13.46 -6.72
C LEU A 70 -21.23 13.57 -6.11
N ILE A 71 -21.40 12.98 -4.95
CA ILE A 71 -22.67 12.81 -4.35
C ILE A 71 -22.85 13.66 -3.09
N GLY A 72 -23.95 14.40 -3.06
CA GLY A 72 -24.22 15.34 -1.94
C GLY A 72 -23.38 16.60 -1.90
N ALA A 73 -23.34 17.19 -0.71
CA ALA A 73 -22.72 18.45 -0.40
C ALA A 73 -21.47 18.14 0.50
N PRO A 74 -20.48 18.98 0.49
CA PRO A 74 -19.27 18.64 1.21
C PRO A 74 -19.43 18.59 2.66
N SER A 75 -18.62 17.82 3.36
CA SER A 75 -18.61 17.75 4.84
C SER A 75 -17.12 17.83 5.28
N GLY A 76 -16.81 18.51 6.33
CA GLY A 76 -15.51 18.47 6.97
C GLY A 76 -15.33 17.39 8.08
N GLU A 77 -16.42 16.72 8.43
CA GLU A 77 -16.39 15.77 9.56
C GLU A 77 -15.46 14.58 9.20
N PHE A 78 -14.55 14.34 10.12
CA PHE A 78 -13.59 13.22 10.06
C PHE A 78 -12.65 13.33 8.91
N SER A 79 -12.49 14.49 8.23
CA SER A 79 -11.63 14.57 7.15
C SER A 79 -10.21 14.11 7.47
N TRP A 80 -9.69 13.32 6.56
CA TRP A 80 -8.32 12.83 6.63
C TRP A 80 -7.30 13.87 6.23
N PHE A 81 -7.73 14.99 5.65
CA PHE A 81 -6.77 15.98 5.09
C PHE A 81 -7.19 17.29 5.65
N LYS A 82 -6.30 17.86 6.48
CA LYS A 82 -6.64 19.03 7.25
C LYS A 82 -7.03 20.17 6.35
N GLY A 83 -8.13 20.84 6.63
CA GLY A 83 -8.58 21.96 5.80
C GLY A 83 -9.45 21.65 4.65
N TYR A 84 -9.71 20.37 4.37
CA TYR A 84 -10.50 19.98 3.25
C TYR A 84 -11.78 19.35 3.69
N ASP A 85 -12.81 19.61 2.93
CA ASP A 85 -14.12 18.99 3.10
C ASP A 85 -14.28 18.00 1.96
N TRP A 86 -15.05 16.96 2.19
CA TRP A 86 -15.12 15.85 1.27
C TRP A 86 -16.52 15.61 0.78
N THR A 87 -16.59 15.06 -0.46
CA THR A 87 -17.80 14.48 -1.02
CA THR A 87 -17.82 14.46 -0.99
C THR A 87 -17.49 13.08 -1.51
N ILE A 88 -18.44 12.16 -1.35
CA ILE A 88 -18.26 10.81 -1.85
C ILE A 88 -18.20 10.84 -3.37
N ALA A 89 -17.27 10.09 -3.94
CA ALA A 89 -17.08 10.01 -5.38
C ALA A 89 -17.42 8.59 -5.77
N LEU A 90 -18.48 8.43 -6.54
CA LEU A 90 -18.83 7.14 -7.15
C LEU A 90 -18.36 7.10 -8.61
N CYS A 91 -18.08 5.89 -9.04
CA CYS A 91 -17.94 5.64 -10.48
C CYS A 91 -19.21 6.13 -11.15
N GLY A 92 -19.06 7.08 -12.13
CA GLY A 92 -20.19 7.62 -12.82
C GLY A 92 -20.92 6.61 -13.68
N GLN A 93 -20.29 5.52 -14.04
CA GLN A 93 -20.80 4.57 -14.96
C GLN A 93 -21.54 3.51 -14.11
N CYS A 94 -20.85 2.88 -13.15
CA CYS A 94 -21.41 1.78 -12.47
C CYS A 94 -21.89 1.98 -11.00
N GLY A 95 -21.52 3.14 -10.45
CA GLY A 95 -21.88 3.47 -9.07
C GLY A 95 -20.93 2.93 -7.97
N SER A 96 -19.89 2.20 -8.31
CA SER A 96 -18.84 1.73 -7.37
C SER A 96 -18.24 2.89 -6.57
N HIS A 97 -18.11 2.71 -5.22
CA HIS A 97 -17.52 3.78 -4.45
C HIS A 97 -16.01 3.80 -4.65
N LEU A 98 -15.50 4.81 -5.36
CA LEU A 98 -14.11 4.93 -5.72
C LEU A 98 -13.27 5.75 -4.84
N GLY A 99 -13.86 6.67 -4.11
CA GLY A 99 -13.13 7.50 -3.15
C GLY A 99 -13.90 8.77 -2.86
N TRP A 100 -13.20 9.88 -2.79
CA TRP A 100 -13.78 11.15 -2.31
C TRP A 100 -13.15 12.30 -3.12
N HIS A 101 -13.95 13.35 -3.27
CA HIS A 101 -13.39 14.57 -3.80
C HIS A 101 -13.26 15.52 -2.62
N TYR A 102 -12.12 16.19 -2.57
CA TYR A 102 -11.80 17.10 -1.49
C TYR A 102 -11.75 18.53 -2.02
N GLU A 103 -12.29 19.46 -1.25
CA GLU A 103 -12.40 20.86 -1.67
C GLU A 103 -12.28 21.72 -0.46
N GLY A 104 -12.19 23.05 -0.66
CA GLY A 104 -12.22 23.97 0.44
C GLY A 104 -10.93 24.22 1.19
N GLY A 105 -9.83 23.73 0.64
CA GLY A 105 -8.58 23.80 1.38
C GLY A 105 -7.59 24.72 0.63
N SER A 106 -6.27 24.43 0.74
CA SER A 106 -5.27 25.42 0.18
C SER A 106 -4.13 24.60 -0.38
N GLN A 107 -3.74 24.92 -1.59
CA GLN A 107 -2.48 24.42 -2.15
C GLN A 107 -2.42 22.89 -2.18
N PRO A 108 -3.34 22.22 -2.88
CA PRO A 108 -4.31 22.78 -3.74
C PRO A 108 -5.63 23.06 -3.06
N GLN A 109 -6.48 23.78 -3.73
CA GLN A 109 -7.79 24.03 -3.16
C GLN A 109 -8.58 22.65 -3.18
N THR A 110 -8.38 21.85 -4.19
CA THR A 110 -9.14 20.63 -4.43
C THR A 110 -8.28 19.50 -4.94
N PHE A 111 -8.68 18.24 -4.63
CA PHE A 111 -8.01 17.08 -5.19
C PHE A 111 -8.95 15.84 -4.93
N PHE A 112 -8.53 14.70 -5.50
CA PHE A 112 -9.33 13.44 -5.34
C PHE A 112 -8.46 12.46 -4.51
N GLY A 113 -9.13 11.81 -3.55
CA GLY A 113 -8.49 10.68 -2.89
C GLY A 113 -9.24 9.42 -3.32
N LEU A 114 -8.58 8.55 -4.08
CA LEU A 114 -9.17 7.41 -4.70
C LEU A 114 -8.66 6.14 -4.05
N ILE A 115 -9.53 5.17 -3.91
CA ILE A 115 -9.12 3.93 -3.20
C ILE A 115 -8.39 3.00 -4.17
N LYS A 116 -7.17 2.75 -3.94
CA LYS A 116 -6.27 2.14 -4.93
C LYS A 116 -6.73 0.80 -5.43
N ASP A 117 -7.23 -0.07 -4.55
CA ASP A 117 -7.68 -1.39 -4.95
C ASP A 117 -8.96 -1.42 -5.63
N ARG A 118 -9.63 -0.24 -5.79
CA ARG A 118 -10.84 -0.18 -6.51
C ARG A 118 -10.63 0.31 -7.96
N LEU A 119 -9.40 0.54 -8.33
CA LEU A 119 -9.01 0.98 -9.66
C LEU A 119 -8.18 -0.12 -10.34
N ALA A 120 -8.27 -0.16 -11.66
CA ALA A 120 -7.32 -1.00 -12.47
C ALA A 120 -6.41 -0.14 -13.29
N GLU A 121 -5.09 -0.37 -13.22
CA GLU A 121 -4.12 0.44 -13.91
C GLU A 121 -3.72 -0.24 -15.28
N GLY A 122 -3.64 0.56 -16.30
CA GLY A 122 -3.26 -0.05 -17.58
C GLY A 122 -2.89 0.97 -18.66
N PRO A 123 -2.68 0.42 -19.86
CA PRO A 123 -2.15 1.29 -20.95
C PRO A 123 -3.09 2.38 -21.38
N ALA A 124 -2.54 3.46 -21.95
CA ALA A 124 -3.30 4.67 -22.26
C ALA A 124 -4.37 4.44 -23.36
N ASP A 125 -5.37 5.34 -23.52
CA ASP A 125 -6.46 5.08 -24.58
C ASP A 125 -6.14 5.86 -25.88
N ALA B 20 4.58 -23.01 6.98
CA ALA B 20 4.44 -21.93 6.01
C ALA B 20 3.28 -22.18 5.06
N SER B 21 2.90 -21.16 4.30
CA SER B 21 1.80 -21.28 3.34
C SER B 21 2.31 -21.17 1.91
N ILE B 22 1.81 -22.06 1.05
CA ILE B 22 2.20 -22.07 -0.35
C ILE B 22 1.00 -21.85 -1.27
N PHE B 23 1.27 -21.32 -2.46
CA PHE B 23 0.23 -21.06 -3.41
C PHE B 23 0.28 -22.14 -4.47
N ARG B 24 -0.84 -22.78 -4.65
CA ARG B 24 -0.96 -23.83 -5.63
C ARG B 24 -1.81 -23.47 -6.75
N CYS B 25 -1.58 -24.09 -7.92
CA CYS B 25 -2.47 -23.87 -9.04
C CYS B 25 -3.90 -24.31 -8.57
N ARG B 26 -4.88 -23.46 -8.79
CA ARG B 26 -6.23 -23.76 -8.28
C ARG B 26 -6.86 -24.92 -9.09
N GLN B 27 -6.43 -25.09 -10.32
CA GLN B 27 -6.99 -26.13 -11.15
C GLN B 27 -6.46 -27.52 -10.97
N CYS B 28 -5.19 -27.68 -10.69
CA CYS B 28 -4.61 -29.02 -10.56
C CYS B 28 -3.81 -29.26 -9.31
N GLY B 29 -3.54 -28.24 -8.54
CA GLY B 29 -2.83 -28.39 -7.30
C GLY B 29 -1.34 -28.29 -7.25
N GLN B 30 -0.74 -28.15 -8.40
CA GLN B 30 0.77 -28.02 -8.51
C GLN B 30 1.24 -26.88 -7.63
N THR B 31 2.31 -27.07 -6.83
CA THR B 31 2.93 -26.01 -6.13
C THR B 31 3.50 -24.96 -7.16
N ILE B 32 3.12 -23.72 -6.96
CA ILE B 32 3.58 -22.60 -7.81
C ILE B 32 4.43 -21.60 -7.12
N SER B 33 4.02 -21.08 -5.98
CA SER B 33 4.89 -20.11 -5.27
C SER B 33 4.59 -20.13 -3.80
N ARG B 34 5.19 -19.23 -3.07
CA ARG B 34 5.12 -19.20 -1.66
C ARG B 34 4.90 -17.80 -1.10
N ARG B 35 4.20 -17.73 -0.01
CA ARG B 35 3.96 -16.48 0.63
C ARG B 35 5.26 -15.77 1.01
N ASP B 36 6.29 -16.52 1.41
CA ASP B 36 7.62 -15.93 1.74
C ASP B 36 8.17 -15.15 0.54
N TRP B 37 7.73 -15.47 -0.66
CA TRP B 37 8.26 -14.90 -1.90
C TRP B 37 7.41 -13.76 -2.40
N LEU B 38 6.42 -13.30 -1.60
CA LEU B 38 5.69 -12.11 -2.03
C LEU B 38 6.60 -10.91 -2.17
N LEU B 39 6.38 -10.15 -3.24
CA LEU B 39 7.27 -9.06 -3.57
C LEU B 39 6.49 -7.77 -3.73
N PRO B 40 6.72 -6.81 -2.85
CA PRO B 40 5.94 -5.55 -3.02
C PRO B 40 6.51 -4.58 -4.09
N MET B 41 6.20 -4.80 -5.35
CA MET B 41 6.64 -3.94 -6.49
C MET B 41 5.88 -2.70 -6.44
N GLY B 42 6.64 -1.62 -6.58
CA GLY B 42 6.20 -0.25 -6.30
C GLY B 42 5.36 -0.07 -5.03
N GLY B 43 5.67 -0.75 -3.97
CA GLY B 43 5.07 -0.51 -2.66
C GLY B 43 3.87 -1.46 -2.35
N ASP B 44 3.52 -2.39 -3.26
CA ASP B 44 2.35 -3.24 -2.97
C ASP B 44 2.55 -4.53 -3.65
N HIS B 45 2.32 -5.67 -2.99
CA HIS B 45 2.37 -6.93 -3.75
C HIS B 45 1.15 -7.15 -4.68
N GLU B 46 0.07 -6.47 -4.41
CA GLU B 46 -1.11 -6.47 -5.25
C GLU B 46 -1.23 -5.38 -6.25
N HIS B 47 -1.47 -5.70 -7.52
CA HIS B 47 -1.66 -4.75 -8.62
C HIS B 47 -2.90 -5.17 -9.40
N VAL B 48 -3.93 -4.33 -9.44
CA VAL B 48 -5.12 -4.56 -10.29
C VAL B 48 -4.83 -3.80 -11.59
N VAL B 49 -4.87 -4.50 -12.71
CA VAL B 49 -4.31 -4.10 -13.97
C VAL B 49 -5.30 -4.45 -15.06
N PHE B 50 -5.16 -3.79 -16.22
CA PHE B 50 -5.95 -4.16 -17.40
C PHE B 50 -5.04 -4.20 -18.60
N ASN B 51 -5.28 -5.17 -19.52
CA ASN B 51 -4.50 -5.28 -20.76
C ASN B 51 -5.14 -4.45 -21.92
N PRO B 52 -4.46 -4.42 -23.10
CA PRO B 52 -5.00 -3.62 -24.19
C PRO B 52 -6.35 -4.13 -24.71
N ALA B 53 -6.67 -5.33 -24.43
CA ALA B 53 -7.99 -5.90 -24.78
C ALA B 53 -9.03 -5.64 -23.74
N GLY B 54 -8.68 -4.86 -22.71
CA GLY B 54 -9.53 -4.45 -21.63
C GLY B 54 -9.83 -5.55 -20.64
N MET B 55 -9.05 -6.61 -20.63
CA MET B 55 -9.31 -7.69 -19.62
C MET B 55 -8.62 -7.21 -18.30
N ILE B 56 -9.34 -7.37 -17.20
CA ILE B 56 -8.86 -6.94 -15.89
C ILE B 56 -8.33 -8.12 -15.11
N PHE B 57 -7.20 -7.93 -14.46
CA PHE B 57 -6.55 -8.94 -13.63
C PHE B 57 -6.18 -8.39 -12.33
N ARG B 58 -6.29 -9.21 -11.30
CA ARG B 58 -5.67 -8.82 -9.99
C ARG B 58 -4.45 -9.70 -9.76
N VAL B 59 -3.29 -9.10 -9.86
CA VAL B 59 -2.05 -9.79 -9.84
C VAL B 59 -1.29 -9.62 -8.54
N TRP B 60 -0.65 -10.67 -8.09
CA TRP B 60 0.17 -10.61 -6.91
C TRP B 60 1.59 -10.91 -7.40
N CYS B 61 2.53 -10.12 -6.96
CA CYS B 61 3.90 -10.26 -7.37
C CYS B 61 4.67 -11.17 -6.44
N PHE B 62 5.45 -12.05 -7.01
CA PHE B 62 6.30 -12.98 -6.29
C PHE B 62 7.71 -12.92 -6.87
N SER B 63 8.71 -13.05 -6.02
CA SER B 63 10.07 -13.01 -6.50
C SER B 63 10.42 -14.21 -7.37
N LEU B 64 9.93 -15.35 -6.97
CA LEU B 64 10.16 -16.58 -7.66
C LEU B 64 8.91 -17.40 -7.77
N ALA B 65 8.96 -18.38 -8.61
CA ALA B 65 7.89 -19.38 -8.76
C ALA B 65 8.48 -20.66 -9.29
N GLN B 66 7.67 -21.68 -9.34
CA GLN B 66 8.01 -22.92 -9.97
C GLN B 66 6.82 -23.58 -10.54
N GLY B 67 7.09 -24.58 -11.41
CA GLY B 67 6.03 -25.39 -12.00
C GLY B 67 5.28 -24.74 -13.14
N LEU B 68 5.69 -23.57 -13.59
CA LEU B 68 5.10 -22.91 -14.72
C LEU B 68 5.85 -23.21 -16.00
N ARG B 69 5.20 -22.98 -17.11
CA ARG B 69 5.81 -22.92 -18.43
C ARG B 69 5.64 -21.57 -19.04
N LEU B 70 6.72 -20.91 -19.34
CA LEU B 70 6.75 -19.54 -19.85
C LEU B 70 6.77 -19.69 -21.35
N ILE B 71 5.82 -19.05 -22.06
CA ILE B 71 5.63 -19.28 -23.47
C ILE B 71 5.91 -18.01 -24.30
N GLY B 72 6.60 -18.12 -25.43
CA GLY B 72 6.86 -16.96 -26.29
C GLY B 72 8.18 -16.26 -25.99
N ALA B 73 8.50 -15.29 -26.81
CA ALA B 73 9.67 -14.41 -26.58
C ALA B 73 9.18 -13.31 -25.66
N PRO B 74 10.05 -12.75 -24.81
CA PRO B 74 9.58 -11.68 -23.99
C PRO B 74 9.14 -10.44 -24.81
N SER B 75 8.22 -9.67 -24.26
CA SER B 75 7.64 -8.51 -24.95
C SER B 75 7.65 -7.38 -23.97
N GLY B 76 8.07 -6.18 -24.45
CA GLY B 76 7.95 -5.00 -23.68
C GLY B 76 6.69 -4.18 -23.92
N GLU B 77 5.84 -4.63 -24.80
CA GLU B 77 4.61 -3.89 -25.17
C GLU B 77 3.64 -3.91 -24.00
N PHE B 78 3.21 -2.72 -23.56
CA PHE B 78 2.18 -2.55 -22.55
C PHE B 78 2.52 -3.23 -21.24
N SER B 79 3.82 -3.33 -20.91
CA SER B 79 4.18 -3.95 -19.66
C SER B 79 3.61 -3.19 -18.52
N TRP B 80 3.05 -3.86 -17.56
CA TRP B 80 2.50 -3.20 -16.38
C TRP B 80 3.59 -2.77 -15.43
N PHE B 81 4.86 -3.17 -15.64
CA PHE B 81 5.92 -2.82 -14.72
C PHE B 81 7.00 -2.22 -15.56
N LYS B 82 7.22 -0.94 -15.34
CA LYS B 82 8.09 -0.18 -16.26
C LYS B 82 9.49 -0.70 -16.13
N GLY B 83 10.13 -0.90 -17.23
CA GLY B 83 11.49 -1.45 -17.28
C GLY B 83 11.57 -2.95 -17.45
N TYR B 84 10.44 -3.66 -17.48
CA TYR B 84 10.46 -5.08 -17.62
C TYR B 84 9.75 -5.50 -18.89
N ASP B 85 10.16 -6.63 -19.42
CA ASP B 85 9.48 -7.33 -20.48
C ASP B 85 8.74 -8.52 -19.81
N TRP B 86 7.69 -8.95 -20.41
CA TRP B 86 6.88 -10.03 -19.90
C TRP B 86 6.76 -11.21 -20.86
N THR B 87 6.52 -12.38 -20.24
CA THR B 87 6.18 -13.62 -20.99
CA THR B 87 6.20 -13.61 -20.97
C THR B 87 4.99 -14.27 -20.27
N ILE B 88 4.06 -14.83 -21.02
CA ILE B 88 2.93 -15.48 -20.44
C ILE B 88 3.34 -16.75 -19.65
N ALA B 89 2.76 -16.96 -18.50
CA ALA B 89 3.10 -18.12 -17.61
C ALA B 89 1.89 -19.01 -17.49
N LEU B 90 2.02 -20.24 -17.95
CA LEU B 90 1.04 -21.29 -17.74
C LEU B 90 1.48 -22.25 -16.69
N CYS B 91 0.53 -22.78 -15.98
CA CYS B 91 0.78 -24.01 -15.19
C CYS B 91 1.42 -25.08 -16.08
N GLY B 92 2.62 -25.55 -15.71
CA GLY B 92 3.27 -26.56 -16.54
C GLY B 92 2.59 -27.90 -16.48
N GLN B 93 1.80 -28.11 -15.44
CA GLN B 93 1.16 -29.42 -15.18
C GLN B 93 -0.16 -29.49 -15.89
N CYS B 94 -0.97 -28.46 -15.79
CA CYS B 94 -2.33 -28.48 -16.41
C CYS B 94 -2.61 -27.46 -17.49
N GLY B 95 -1.77 -26.50 -17.67
CA GLY B 95 -1.95 -25.46 -18.69
C GLY B 95 -2.76 -24.22 -18.33
N SER B 96 -3.26 -24.15 -17.09
CA SER B 96 -4.01 -22.91 -16.62
C SER B 96 -3.18 -21.65 -16.74
N HIS B 97 -3.78 -20.55 -17.27
CA HIS B 97 -3.04 -19.30 -17.41
C HIS B 97 -2.91 -18.67 -16.02
N LEU B 98 -1.71 -18.71 -15.42
CA LEU B 98 -1.50 -18.25 -14.06
C LEU B 98 -0.92 -16.86 -13.92
N GLY B 99 -0.31 -16.31 -14.92
CA GLY B 99 0.14 -14.93 -14.92
C GLY B 99 1.22 -14.72 -15.95
N TRP B 100 2.27 -14.03 -15.51
CA TRP B 100 3.36 -13.60 -16.36
C TRP B 100 4.64 -13.61 -15.64
N HIS B 101 5.74 -13.81 -16.37
CA HIS B 101 7.02 -13.60 -15.81
C HIS B 101 7.61 -12.32 -16.42
N TYR B 102 8.36 -11.59 -15.61
CA TYR B 102 8.94 -10.31 -15.91
C TYR B 102 10.41 -10.44 -15.87
N GLU B 103 11.09 -9.77 -16.86
CA GLU B 103 12.52 -9.91 -16.92
C GLU B 103 13.04 -8.59 -17.51
N GLY B 104 14.33 -8.46 -17.33
CA GLY B 104 15.07 -7.40 -18.09
C GLY B 104 15.17 -6.14 -17.33
N GLY B 105 14.75 -6.12 -16.07
CA GLY B 105 14.91 -4.93 -15.21
C GLY B 105 16.09 -4.96 -14.28
N SER B 106 15.96 -4.26 -13.17
CA SER B 106 17.02 -4.23 -12.13
C SER B 106 16.36 -4.18 -10.81
N GLN B 107 16.87 -4.95 -9.86
CA GLN B 107 16.45 -4.88 -8.47
C GLN B 107 14.94 -5.05 -8.31
N PRO B 108 14.41 -6.22 -8.70
CA PRO B 108 15.10 -7.37 -9.16
C PRO B 108 15.19 -7.44 -10.63
N GLN B 109 16.03 -8.29 -11.15
CA GLN B 109 16.05 -8.43 -12.60
C GLN B 109 14.83 -9.13 -13.10
N THR B 110 14.34 -10.09 -12.32
CA THR B 110 13.11 -10.89 -12.75
C THR B 110 12.18 -11.11 -11.59
N PHE B 111 10.90 -11.31 -11.90
CA PHE B 111 9.86 -11.62 -10.88
C PHE B 111 8.61 -12.06 -11.67
N PHE B 112 7.61 -12.53 -10.91
CA PHE B 112 6.36 -13.04 -11.50
C PHE B 112 5.21 -12.20 -11.02
N GLY B 113 4.24 -12.01 -11.90
CA GLY B 113 2.95 -11.43 -11.51
C GLY B 113 1.89 -12.55 -11.80
N LEU B 114 1.37 -13.10 -10.72
CA LEU B 114 0.47 -14.28 -10.80
C LEU B 114 -0.95 -13.78 -10.47
N ILE B 115 -1.91 -14.33 -11.15
CA ILE B 115 -3.31 -14.01 -10.98
C ILE B 115 -3.88 -14.64 -9.75
N LYS B 116 -4.17 -13.82 -8.73
CA LYS B 116 -4.46 -14.33 -7.43
C LYS B 116 -5.65 -15.28 -7.41
N ASP B 117 -6.65 -15.03 -8.21
CA ASP B 117 -7.87 -15.86 -8.31
CA ASP B 117 -7.85 -15.91 -8.10
C ASP B 117 -7.67 -17.22 -8.84
N ARG B 118 -6.53 -17.39 -9.50
CA ARG B 118 -6.18 -18.69 -10.11
C ARG B 118 -5.30 -19.55 -9.30
N LEU B 119 -5.00 -19.09 -8.11
CA LEU B 119 -4.18 -19.80 -7.16
C LEU B 119 -5.00 -20.14 -5.90
N ALA B 120 -4.56 -21.15 -5.16
CA ALA B 120 -5.25 -21.57 -3.95
C ALA B 120 -4.27 -21.73 -2.80
N GLU B 121 -4.26 -20.76 -1.89
CA GLU B 121 -3.38 -20.77 -0.74
C GLU B 121 -3.68 -21.96 0.18
N GLY B 122 -2.64 -22.54 0.75
CA GLY B 122 -2.78 -23.68 1.64
C GLY B 122 -1.49 -24.04 2.33
N PRO B 123 -1.56 -24.89 3.37
CA PRO B 123 -0.39 -25.30 4.09
C PRO B 123 0.61 -26.06 3.22
N ALA B 124 1.87 -25.83 3.52
CA ALA B 124 2.95 -26.48 2.81
C ALA B 124 2.89 -28.00 2.96
N GLY C 19 -10.36 13.24 12.45
CA GLY C 19 -9.78 12.64 11.25
C GLY C 19 -8.50 11.85 11.49
N ALA C 20 -7.61 12.42 12.28
CA ALA C 20 -6.36 11.80 12.65
C ALA C 20 -6.22 11.79 14.14
N SER C 21 -7.13 11.17 14.86
CA SER C 21 -7.01 11.12 16.29
C SER C 21 -6.57 9.72 16.79
N ILE C 22 -6.87 8.65 16.08
CA ILE C 22 -6.42 7.30 16.58
C ILE C 22 -5.56 6.69 15.50
N PHE C 23 -4.50 6.04 15.98
CA PHE C 23 -3.46 5.51 15.10
C PHE C 23 -3.49 4.03 15.26
N ARG C 24 -3.43 3.30 14.14
CA ARG C 24 -3.46 1.85 14.22
C ARG C 24 -2.60 1.14 13.23
N CYS C 25 -2.29 -0.11 13.48
CA CYS C 25 -1.58 -0.93 12.54
C CYS C 25 -2.28 -0.95 11.13
N ARG C 26 -1.55 -0.66 10.10
CA ARG C 26 -2.05 -0.64 8.70
C ARG C 26 -2.40 -2.04 8.23
N GLN C 27 -1.72 -3.04 8.73
CA GLN C 27 -1.91 -4.43 8.20
C GLN C 27 -3.10 -5.14 8.78
N CYS C 28 -3.37 -4.89 10.07
CA CYS C 28 -4.47 -5.59 10.71
C CYS C 28 -5.43 -4.71 11.53
N GLY C 29 -5.13 -3.44 11.71
CA GLY C 29 -5.99 -2.54 12.49
C GLY C 29 -5.89 -2.34 14.00
N GLN C 30 -4.90 -3.13 14.52
CA GLN C 30 -4.63 -3.07 16.00
C GLN C 30 -4.51 -1.63 16.44
N THR C 31 -5.25 -1.22 17.49
CA THR C 31 -5.12 0.11 18.04
C THR C 31 -3.75 0.28 18.66
N ILE C 32 -3.06 1.36 18.30
CA ILE C 32 -1.69 1.56 18.82
C ILE C 32 -1.57 2.82 19.67
N SER C 33 -2.04 3.96 19.15
CA SER C 33 -1.90 5.20 19.95
C SER C 33 -2.92 6.23 19.55
N ARG C 34 -2.75 7.43 20.10
CA ARG C 34 -3.78 8.46 20.04
C ARG C 34 -3.10 9.79 19.91
N ARG C 35 -3.77 10.70 19.25
CA ARG C 35 -3.19 12.05 19.08
C ARG C 35 -3.00 12.75 20.40
N ASP C 36 -3.84 12.48 21.40
CA ASP C 36 -3.73 12.98 22.82
C ASP C 36 -2.24 12.77 23.31
N TRP C 37 -1.63 11.66 22.87
CA TRP C 37 -0.30 11.24 23.36
C TRP C 37 0.83 11.62 22.40
N LEU C 38 0.48 12.33 21.36
CA LEU C 38 1.37 12.54 20.21
C LEU C 38 2.19 13.74 20.58
N LEU C 39 3.48 13.58 20.46
CA LEU C 39 4.41 14.62 20.92
C LEU C 39 4.82 15.53 19.79
N PRO C 40 4.33 16.78 19.79
CA PRO C 40 4.81 17.70 18.76
C PRO C 40 6.30 18.18 18.85
N MET C 41 6.91 18.62 17.74
CA MET C 41 8.22 19.35 17.82
C MET C 41 7.98 20.53 16.97
N GLY C 42 8.04 21.76 17.57
CA GLY C 42 7.65 23.03 16.86
C GLY C 42 6.25 22.84 16.19
N GLY C 43 6.25 22.97 14.89
CA GLY C 43 5.01 22.88 14.06
C GLY C 43 4.82 21.54 13.38
N ASP C 44 5.63 20.51 13.74
CA ASP C 44 5.63 19.17 13.17
C ASP C 44 5.15 18.11 14.14
N HIS C 45 4.07 17.46 13.75
CA HIS C 45 3.69 16.24 14.42
C HIS C 45 4.44 15.05 13.86
N GLU C 46 4.95 15.15 12.64
CA GLU C 46 5.74 14.11 11.97
C GLU C 46 7.18 14.62 11.94
N HIS C 47 8.14 13.69 12.06
CA HIS C 47 9.59 13.97 11.82
C HIS C 47 10.11 13.14 10.63
N VAL C 48 10.76 13.80 9.66
CA VAL C 48 11.29 13.14 8.47
C VAL C 48 12.70 12.65 8.83
N VAL C 49 12.93 11.36 8.61
CA VAL C 49 14.18 10.72 8.96
C VAL C 49 14.58 9.79 7.83
N PHE C 50 15.87 9.43 7.77
CA PHE C 50 16.29 8.40 6.81
C PHE C 50 16.95 7.19 7.53
N ASN C 51 16.50 5.98 7.17
CA ASN C 51 17.26 4.80 7.63
C ASN C 51 18.69 4.87 7.06
N PRO C 52 19.56 3.94 7.55
CA PRO C 52 20.97 4.06 7.11
C PRO C 52 21.13 3.82 5.62
N ALA C 53 20.13 3.21 4.96
CA ALA C 53 20.15 3.02 3.53
C ALA C 53 19.64 4.24 2.76
N GLY C 54 19.30 5.31 3.50
CA GLY C 54 18.84 6.55 2.94
C GLY C 54 17.40 6.52 2.41
N MET C 55 16.62 5.51 2.77
CA MET C 55 15.18 5.56 2.53
C MET C 55 14.53 6.48 3.58
N ILE C 56 13.50 7.20 3.19
CA ILE C 56 12.80 8.15 4.06
C ILE C 56 11.67 7.46 4.86
N PHE C 57 11.53 7.84 6.12
CA PHE C 57 10.29 7.61 6.86
C PHE C 57 9.80 8.92 7.47
N ARG C 58 8.50 9.03 7.61
CA ARG C 58 7.90 9.96 8.57
C ARG C 58 7.65 9.20 9.87
N VAL C 59 8.21 9.70 10.97
CA VAL C 59 8.08 9.09 12.28
C VAL C 59 7.12 9.95 13.08
N TRP C 60 6.15 9.34 13.76
CA TRP C 60 5.34 10.05 14.75
C TRP C 60 5.81 9.60 16.11
N CYS C 61 6.08 10.57 17.02
CA CYS C 61 6.44 10.18 18.37
C CYS C 61 5.24 10.31 19.34
N PHE C 62 5.10 9.31 20.18
CA PHE C 62 3.99 9.24 21.16
C PHE C 62 4.56 8.96 22.54
N SER C 63 4.01 9.58 23.58
CA SER C 63 4.50 9.28 24.91
C SER C 63 4.03 7.93 25.40
N LEU C 64 2.90 7.45 24.86
CA LEU C 64 2.35 6.19 25.31
C LEU C 64 1.84 5.44 24.12
N ALA C 65 1.82 4.11 24.24
CA ALA C 65 1.18 3.29 23.19
C ALA C 65 0.70 2.01 23.81
N GLN C 66 -0.10 1.30 23.00
CA GLN C 66 -0.53 0.00 23.40
C GLN C 66 -0.51 -0.94 22.23
N GLY C 67 -0.72 -2.20 22.57
CA GLY C 67 -0.86 -3.29 21.60
C GLY C 67 0.39 -3.66 20.78
N LEU C 68 1.54 -3.21 21.25
CA LEU C 68 2.83 -3.56 20.68
C LEU C 68 3.43 -4.68 21.44
N ARG C 69 4.47 -5.27 20.86
CA ARG C 69 5.33 -6.21 21.54
C ARG C 69 6.75 -5.66 21.33
N LEU C 70 7.42 -5.31 22.44
CA LEU C 70 8.76 -4.75 22.37
C LEU C 70 9.71 -5.92 22.46
N ILE C 71 10.63 -6.07 21.49
CA ILE C 71 11.46 -7.31 21.47
C ILE C 71 12.95 -6.96 21.62
N GLY C 72 13.74 -7.85 22.22
CA GLY C 72 15.17 -7.67 22.36
C GLY C 72 15.67 -6.67 23.39
N ALA C 73 16.95 -6.33 23.24
CA ALA C 73 17.72 -5.47 24.10
C ALA C 73 17.95 -4.11 23.39
N PRO C 74 18.10 -3.03 24.16
CA PRO C 74 18.17 -1.73 23.45
C PRO C 74 19.44 -1.58 22.65
N SER C 75 19.38 -0.75 21.61
CA SER C 75 20.54 -0.40 20.79
C SER C 75 20.58 1.12 20.62
N GLY C 76 21.77 1.72 20.64
CA GLY C 76 21.97 3.10 20.25
C GLY C 76 22.27 3.38 18.77
N GLU C 77 22.49 2.30 18.00
CA GLU C 77 23.00 2.42 16.62
C GLU C 77 22.02 3.15 15.74
N PHE C 78 22.51 4.20 15.06
CA PHE C 78 21.73 5.02 14.15
C PHE C 78 20.50 5.67 14.77
N SER C 79 20.48 5.87 16.07
CA SER C 79 19.27 6.43 16.69
C SER C 79 18.99 7.81 16.10
N TRP C 80 17.75 8.03 15.71
CA TRP C 80 17.35 9.33 15.19
C TRP C 80 17.17 10.36 16.29
N PHE C 81 17.27 9.97 17.56
CA PHE C 81 17.01 10.90 18.66
C PHE C 81 18.22 10.80 19.56
N LYS C 82 18.96 11.89 19.62
CA LYS C 82 20.30 11.84 20.23
C LYS C 82 20.14 11.51 21.71
N GLY C 83 20.94 10.56 22.21
CA GLY C 83 20.88 10.14 23.59
C GLY C 83 19.85 9.07 23.96
N TYR C 84 19.12 8.56 22.96
CA TYR C 84 18.14 7.53 23.21
C TYR C 84 18.55 6.26 22.49
N ASP C 85 18.28 5.15 23.17
CA ASP C 85 18.46 3.82 22.60
C ASP C 85 17.06 3.30 22.26
N TRP C 86 17.03 2.43 21.27
CA TRP C 86 15.76 1.93 20.77
C TRP C 86 15.65 0.41 20.88
N THR C 87 14.37 -0.02 20.95
CA THR C 87 13.99 -1.45 20.86
C THR C 87 12.88 -1.60 19.85
N ILE C 88 12.89 -2.69 19.12
CA ILE C 88 11.91 -2.89 18.05
C ILE C 88 10.52 -3.04 18.63
N ALA C 89 9.54 -2.37 18.02
CA ALA C 89 8.13 -2.45 18.44
C ALA C 89 7.38 -3.13 17.29
N LEU C 90 6.86 -4.33 17.55
CA LEU C 90 6.01 -5.03 16.59
C LEU C 90 4.55 -4.88 17.03
N CYS C 91 3.71 -4.92 16.04
CA CYS C 91 2.26 -5.01 16.29
C CYS C 91 2.07 -6.36 17.08
N GLY C 92 1.40 -6.27 18.23
CA GLY C 92 1.15 -7.44 18.99
C GLY C 92 0.11 -8.37 18.36
N GLN C 93 -0.67 -7.87 17.45
CA GLN C 93 -1.77 -8.68 16.83
C GLN C 93 -1.29 -9.43 15.64
N CYS C 94 -0.55 -8.74 14.74
CA CYS C 94 -0.11 -9.43 13.49
C CYS C 94 1.37 -9.58 13.33
N GLY C 95 2.16 -8.91 14.18
CA GLY C 95 3.66 -9.10 14.04
C GLY C 95 4.32 -8.01 13.12
N SER C 96 3.55 -7.16 12.44
CA SER C 96 4.13 -6.06 11.61
C SER C 96 5.06 -5.12 12.41
N HIS C 97 6.19 -4.78 11.81
CA HIS C 97 7.15 -3.89 12.46
C HIS C 97 6.64 -2.47 12.34
N LEU C 98 6.21 -1.88 13.47
CA LEU C 98 5.58 -0.56 13.45
C LEU C 98 6.53 0.61 13.80
N GLY C 99 7.58 0.32 14.52
CA GLY C 99 8.53 1.31 14.90
C GLY C 99 9.36 0.86 16.04
N TRP C 100 9.63 1.77 16.96
CA TRP C 100 10.61 1.50 18.06
C TRP C 100 10.16 2.16 19.33
N HIS C 101 10.62 1.60 20.42
CA HIS C 101 10.45 2.23 21.70
C HIS C 101 11.83 2.79 22.07
N TYR C 102 11.83 4.00 22.54
CA TYR C 102 13.05 4.76 22.82
C TYR C 102 13.16 5.00 24.30
N GLU C 103 14.37 4.89 24.84
CA GLU C 103 14.58 4.86 26.27
C GLU C 103 15.98 5.42 26.51
N GLY C 104 16.24 5.69 27.78
CA GLY C 104 17.59 6.01 28.21
C GLY C 104 17.90 7.50 28.16
N GLY C 105 16.91 8.33 27.81
CA GLY C 105 17.11 9.76 27.81
C GLY C 105 16.52 10.47 29.02
N SER C 106 16.22 11.74 28.85
CA SER C 106 15.62 12.59 29.88
C SER C 106 14.65 13.52 29.20
N GLN C 107 13.48 13.69 29.82
CA GLN C 107 12.51 14.69 29.40
C GLN C 107 12.13 14.56 27.92
N PRO C 108 11.55 13.44 27.52
CA PRO C 108 11.09 12.37 28.38
C PRO C 108 12.12 11.28 28.50
N GLN C 109 11.95 10.41 29.47
CA GLN C 109 12.90 9.33 29.59
C GLN C 109 12.65 8.33 28.42
N THR C 110 11.37 8.16 28.06
CA THR C 110 10.95 7.13 27.09
C THR C 110 9.80 7.64 26.25
N PHE C 111 9.70 7.07 25.03
CA PHE C 111 8.64 7.39 24.09
C PHE C 111 8.68 6.34 22.98
N PHE C 112 7.66 6.38 22.15
CA PHE C 112 7.54 5.42 20.99
C PHE C 112 7.65 6.26 19.72
N GLY C 113 8.46 5.82 18.78
CA GLY C 113 8.58 6.43 17.49
C GLY C 113 8.09 5.44 16.45
N LEU C 114 6.92 5.72 15.88
CA LEU C 114 6.25 4.80 15.01
C LEU C 114 6.27 5.31 13.59
N ILE C 115 6.36 4.37 12.67
CA ILE C 115 6.53 4.71 11.25
C ILE C 115 5.17 5.02 10.65
N LYS C 116 5.03 6.26 10.17
CA LYS C 116 3.81 6.68 9.51
C LYS C 116 3.28 5.72 8.43
N ASP C 117 4.13 5.15 7.58
CA ASP C 117 3.56 4.34 6.49
C ASP C 117 3.19 2.93 6.94
N ARG C 118 3.42 2.64 8.20
CA ARG C 118 2.95 1.39 8.76
C ARG C 118 1.66 1.51 9.51
N LEU C 119 1.09 2.71 9.59
CA LEU C 119 -0.01 3.06 10.44
C LEU C 119 -1.20 3.50 9.53
N ALA C 120 -2.39 3.33 10.03
CA ALA C 120 -3.60 3.99 9.49
C ALA C 120 -4.07 5.02 10.56
N GLU C 121 -4.40 6.21 10.12
CA GLU C 121 -4.95 7.22 11.04
C GLU C 121 -6.47 7.31 10.77
N GLY C 122 -7.22 7.51 11.86
CA GLY C 122 -8.62 7.80 11.71
C GLY C 122 -9.26 8.41 12.94
N PRO C 123 -10.58 8.57 12.90
CA PRO C 123 -11.28 9.29 13.96
C PRO C 123 -11.18 8.64 15.32
N ALA C 124 -11.38 9.43 16.39
CA ALA C 124 -11.62 8.82 17.73
C ALA C 124 -12.95 7.99 17.73
N ASP C 125 -13.10 7.04 18.65
CA ASP C 125 -14.45 6.47 18.95
C ASP C 125 -15.12 5.84 17.69
N UNK D 1 17.09 -18.52 17.63
CA UNK D 1 17.24 -19.23 16.31
C UNK D 1 15.90 -19.42 15.62
N UNK D 2 15.16 -18.31 15.45
CA UNK D 2 13.68 -18.33 15.32
C UNK D 2 13.05 -19.00 14.11
N UNK D 3 13.73 -18.94 12.95
CA UNK D 3 13.15 -19.47 11.68
C UNK D 3 13.98 -20.61 11.06
N UNK D 4 13.41 -21.82 11.07
CA UNK D 4 14.07 -23.07 10.66
C UNK D 4 13.66 -23.58 9.30
N UNK D 5 12.54 -23.08 8.76
CA UNK D 5 12.01 -23.54 7.45
C UNK D 5 11.31 -22.42 6.69
#